data_7WEK
#
_entry.id   7WEK
#
_cell.length_a   58.077
_cell.length_b   105.318
_cell.length_c   155.972
_cell.angle_alpha   90.000
_cell.angle_beta   90.000
_cell.angle_gamma   90.000
#
_symmetry.space_group_name_H-M   'P 21 21 21'
#
loop_
_entity.id
_entity.type
_entity.pdbx_description
1 polymer 'WD repeat-containing protein 47'
2 polymer 'WBR motif form Calmodulin-regulated spectrin-associated protein 3'
#
loop_
_entity_poly.entity_id
_entity_poly.type
_entity_poly.pdbx_seq_one_letter_code
_entity_poly.pdbx_strand_id
1 'polypeptide(L)'
;GPGSMTAEETVNVKEVEIIKLILDFLNSKKLHISMLALEKESGVINGLFSDDMLFLRQLILDGQWDEVLQFIQPLECMEK
FDKKRFRYIILKQKFLEALCVNNAMSAEDEPQHLEFTMQEAVQCLHALEEYCPSKDDYSKLCLLLTLPRLTNHAEFKDWN
PSTARVHCFEEVCVMVAEFIPADRKLSEAGFKASNNRLFQLVMKGLLYECCVEFCQSKATGEEITESEVLLGIDLLCGNG
CDDLDLSLLSWLQNLPSSVFSCAFEQKMLNIHVDKLLKPTKAAYADLLTPLISKL
;
A,B
2 'polypeptide(L)' NSEVKMTSFAERKKQLVKAEAESGLGSPTS C,D
#
# COMPACT_ATOMS: atom_id res chain seq x y z
N THR A 10 -21.69 -3.72 -12.05
CA THR A 10 -21.27 -5.03 -12.53
C THR A 10 -19.85 -4.98 -13.07
N VAL A 11 -18.88 -4.73 -12.19
CA VAL A 11 -17.48 -4.63 -12.57
C VAL A 11 -16.68 -5.64 -11.76
N ASN A 12 -15.46 -5.90 -12.24
CA ASN A 12 -14.56 -6.87 -11.60
C ASN A 12 -13.32 -6.14 -11.13
N VAL A 13 -13.03 -6.23 -9.83
CA VAL A 13 -11.85 -5.62 -9.23
C VAL A 13 -11.11 -6.69 -8.45
N LYS A 14 -9.81 -6.84 -8.72
CA LYS A 14 -8.96 -7.81 -8.05
C LYS A 14 -8.04 -7.08 -7.08
N GLU A 15 -8.00 -7.55 -5.83
CA GLU A 15 -7.08 -6.97 -4.85
C GLU A 15 -5.63 -7.21 -5.23
N VAL A 16 -5.35 -8.23 -6.05
CA VAL A 16 -3.99 -8.47 -6.49
C VAL A 16 -3.49 -7.30 -7.33
N GLU A 17 -4.35 -6.74 -8.17
CA GLU A 17 -3.95 -5.60 -8.98
C GLU A 17 -3.69 -4.37 -8.11
N ILE A 18 -4.50 -4.17 -7.07
CA ILE A 18 -4.27 -3.06 -6.15
C ILE A 18 -2.95 -3.24 -5.42
N ILE A 19 -2.63 -4.47 -5.03
CA ILE A 19 -1.36 -4.71 -4.36
C ILE A 19 -0.20 -4.54 -5.33
N LYS A 20 -0.41 -4.82 -6.62
CA LYS A 20 0.63 -4.53 -7.60
C LYS A 20 0.84 -3.04 -7.75
N LEU A 21 -0.24 -2.25 -7.72
CA LEU A 21 -0.10 -0.80 -7.72
C LEU A 21 0.69 -0.32 -6.51
N ILE A 22 0.40 -0.88 -5.33
CA ILE A 22 1.12 -0.49 -4.12
C ILE A 22 2.59 -0.90 -4.20
N LEU A 23 2.86 -2.07 -4.79
CA LEU A 23 4.24 -2.51 -4.99
C LEU A 23 4.99 -1.57 -5.91
N ASP A 24 4.36 -1.16 -7.02
CA ASP A 24 4.99 -0.20 -7.91
C ASP A 24 5.25 1.12 -7.21
N PHE A 25 4.31 1.55 -6.36
CA PHE A 25 4.50 2.80 -5.62
C PHE A 25 5.65 2.68 -4.62
N LEU A 26 5.77 1.54 -3.95
CA LEU A 26 6.87 1.34 -3.01
C LEU A 26 8.21 1.27 -3.73
N ASN A 27 8.24 0.67 -4.92
CA ASN A 27 9.48 0.61 -5.68
C ASN A 27 9.87 1.98 -6.22
N SER A 28 8.88 2.81 -6.56
CA SER A 28 9.19 4.15 -7.07
C SER A 28 9.84 5.01 -5.98
N LYS A 29 9.42 4.85 -4.73
CA LYS A 29 9.98 5.61 -3.63
C LYS A 29 11.12 4.86 -2.92
N LYS A 30 11.53 3.70 -3.44
CA LYS A 30 12.61 2.91 -2.88
C LYS A 30 12.34 2.53 -1.43
N LEU A 31 11.12 2.07 -1.16
CA LEU A 31 10.77 1.49 0.13
C LEU A 31 10.77 -0.04 0.00
N HIS A 32 11.97 -0.57 -0.21
CA HIS A 32 12.13 -1.96 -0.63
C HIS A 32 11.94 -2.96 0.50
N ILE A 33 12.24 -2.58 1.74
CA ILE A 33 11.93 -3.46 2.86
C ILE A 33 10.42 -3.68 2.94
N SER A 34 9.65 -2.60 2.83
CA SER A 34 8.20 -2.73 2.82
C SER A 34 7.72 -3.49 1.59
N MET A 35 8.34 -3.24 0.44
CA MET A 35 7.96 -3.94 -0.79
C MET A 35 8.18 -5.45 -0.64
N LEU A 36 9.34 -5.83 -0.12
CA LEU A 36 9.63 -7.25 0.08
C LEU A 36 8.70 -7.88 1.11
N ALA A 37 8.42 -7.14 2.20
CA ALA A 37 7.50 -7.65 3.21
C ALA A 37 6.12 -7.86 2.63
N LEU A 38 5.67 -6.95 1.76
CA LEU A 38 4.35 -7.11 1.18
C LEU A 38 4.33 -8.27 0.19
N GLU A 39 5.39 -8.41 -0.61
CA GLU A 39 5.49 -9.56 -1.51
C GLU A 39 5.37 -10.85 -0.73
N LYS A 40 6.11 -10.95 0.38
CA LYS A 40 6.12 -12.20 1.15
C LYS A 40 4.77 -12.44 1.82
N GLU A 41 4.13 -11.39 2.35
CA GLU A 41 2.90 -11.56 3.11
C GLU A 41 1.68 -11.72 2.22
N SER A 42 1.73 -11.29 0.96
CA SER A 42 0.58 -11.36 0.07
C SER A 42 0.73 -12.38 -1.06
N GLY A 43 1.94 -12.85 -1.34
CA GLY A 43 2.14 -13.75 -2.46
C GLY A 43 1.99 -13.09 -3.81
N VAL A 44 2.23 -11.77 -3.89
CA VAL A 44 2.04 -11.01 -5.12
C VAL A 44 3.37 -10.45 -5.58
N ILE A 45 3.63 -10.54 -6.88
CA ILE A 45 4.85 -10.02 -7.50
C ILE A 45 4.44 -9.12 -8.66
N ASN A 46 4.94 -7.90 -8.66
CA ASN A 46 4.63 -6.94 -9.73
C ASN A 46 5.51 -7.24 -10.93
N GLY A 47 4.91 -7.76 -11.99
CA GLY A 47 5.65 -8.03 -13.21
C GLY A 47 5.55 -9.46 -13.68
N LEU A 48 5.86 -9.69 -14.95
CA LEU A 48 5.87 -11.03 -15.51
C LEU A 48 7.25 -11.65 -15.37
N PHE A 49 7.29 -12.88 -14.87
CA PHE A 49 8.54 -13.61 -14.72
C PHE A 49 8.28 -15.10 -14.93
N SER A 50 9.24 -15.78 -15.55
CA SER A 50 9.16 -17.22 -15.67
C SER A 50 9.37 -17.88 -14.31
N ASP A 51 9.10 -19.18 -14.25
CA ASP A 51 9.27 -19.93 -13.01
C ASP A 51 10.73 -19.97 -12.58
N ASP A 52 11.68 -19.84 -13.52
CA ASP A 52 13.09 -19.80 -13.17
C ASP A 52 13.52 -18.39 -12.77
N MET A 53 13.01 -17.37 -13.47
CA MET A 53 13.35 -16.00 -13.11
C MET A 53 12.83 -15.65 -11.72
N LEU A 54 11.66 -16.16 -11.36
CA LEU A 54 11.15 -15.95 -10.00
C LEU A 54 12.05 -16.61 -8.96
N PHE A 55 12.59 -17.79 -9.29
CA PHE A 55 13.48 -18.47 -8.35
C PHE A 55 14.78 -17.70 -8.18
N LEU A 56 15.37 -17.22 -9.28
CA LEU A 56 16.54 -16.37 -9.19
C LEU A 56 16.24 -15.11 -8.40
N ARG A 57 15.05 -14.54 -8.61
CA ARG A 57 14.65 -13.34 -7.88
C ARG A 57 14.62 -13.59 -6.38
N GLN A 58 13.98 -14.69 -5.96
CA GLN A 58 13.86 -14.89 -4.52
C GLN A 58 15.18 -15.33 -3.91
N LEU A 59 16.04 -15.97 -4.71
CA LEU A 59 17.39 -16.27 -4.25
C LEU A 59 18.18 -15.00 -3.99
N ILE A 60 18.11 -14.05 -4.91
CA ILE A 60 18.85 -12.80 -4.74
C ILE A 60 18.26 -11.98 -3.60
N LEU A 61 16.93 -11.98 -3.46
CA LEU A 61 16.31 -11.15 -2.43
C LEU A 61 16.54 -11.73 -1.04
N ASP A 62 16.46 -13.05 -0.89
CA ASP A 62 16.65 -13.68 0.42
C ASP A 62 18.12 -13.86 0.78
N GLY A 63 19.04 -13.41 -0.06
CA GLY A 63 20.46 -13.46 0.26
C GLY A 63 21.08 -14.83 0.17
N GLN A 64 20.96 -15.47 -0.99
CA GLN A 64 21.58 -16.77 -1.28
C GLN A 64 22.47 -16.58 -2.49
N TRP A 65 23.73 -16.20 -2.24
CA TRP A 65 24.61 -15.82 -3.35
C TRP A 65 25.31 -17.03 -3.96
N ASP A 66 25.80 -17.96 -3.15
CA ASP A 66 26.41 -19.17 -3.70
C ASP A 66 25.39 -19.99 -4.47
N GLU A 67 24.15 -20.01 -3.99
CA GLU A 67 23.10 -20.72 -4.72
C GLU A 67 22.80 -20.03 -6.04
N VAL A 68 22.86 -18.70 -6.08
CA VAL A 68 22.70 -17.98 -7.34
C VAL A 68 23.83 -18.33 -8.30
N LEU A 69 25.06 -18.39 -7.79
CA LEU A 69 26.20 -18.72 -8.64
C LEU A 69 26.07 -20.13 -9.20
N GLN A 70 25.59 -21.08 -8.39
CA GLN A 70 25.36 -22.43 -8.88
C GLN A 70 24.19 -22.49 -9.85
N PHE A 71 23.23 -21.58 -9.71
CA PHE A 71 22.05 -21.57 -10.58
C PHE A 71 22.39 -21.01 -11.96
N ILE A 72 23.27 -20.00 -12.03
CA ILE A 72 23.60 -19.35 -13.29
C ILE A 72 24.86 -19.94 -13.94
N GLN A 73 25.61 -20.77 -13.21
CA GLN A 73 26.76 -21.43 -13.82
C GLN A 73 26.44 -22.18 -15.10
N PRO A 74 25.30 -22.87 -15.25
CA PRO A 74 24.99 -23.50 -16.54
C PRO A 74 24.90 -22.54 -17.72
N LEU A 75 24.95 -21.23 -17.50
CA LEU A 75 24.87 -20.26 -18.58
C LEU A 75 26.16 -19.50 -18.82
N GLU A 76 27.19 -19.72 -17.99
CA GLU A 76 28.44 -19.00 -18.17
C GLU A 76 29.26 -19.55 -19.35
N CYS A 77 29.04 -20.80 -19.73
CA CYS A 77 29.78 -21.40 -20.84
C CYS A 77 29.35 -20.85 -22.20
N MET A 78 28.21 -20.15 -22.26
CA MET A 78 27.74 -19.63 -23.53
C MET A 78 28.65 -18.51 -24.02
N GLU A 79 28.68 -18.32 -25.34
CA GLU A 79 29.57 -17.34 -25.94
C GLU A 79 29.12 -15.92 -25.63
N LYS A 80 27.89 -15.57 -26.03
CA LYS A 80 27.38 -14.20 -25.85
C LYS A 80 26.89 -14.02 -24.42
N PHE A 81 27.86 -14.06 -23.49
CA PHE A 81 27.58 -13.83 -22.08
C PHE A 81 28.84 -13.32 -21.41
N ASP A 82 28.67 -12.37 -20.49
CA ASP A 82 29.80 -11.75 -19.79
C ASP A 82 29.86 -12.38 -18.39
N LYS A 83 30.57 -13.50 -18.30
CA LYS A 83 30.76 -14.19 -17.02
C LYS A 83 31.65 -13.42 -16.06
N LYS A 84 32.21 -12.29 -16.49
CA LYS A 84 33.11 -11.50 -15.64
C LYS A 84 32.35 -10.50 -14.78
N ARG A 85 31.32 -9.85 -15.33
CA ARG A 85 30.58 -8.85 -14.56
C ARG A 85 29.57 -9.49 -13.62
N PHE A 86 29.02 -10.65 -13.98
CA PHE A 86 28.01 -11.30 -13.15
C PHE A 86 28.60 -11.73 -11.81
N ARG A 87 29.64 -12.57 -11.86
CA ARG A 87 30.32 -12.96 -10.63
C ARG A 87 30.85 -11.73 -9.89
N TYR A 88 31.29 -10.73 -10.63
CA TYR A 88 31.77 -9.49 -10.02
C TYR A 88 30.71 -8.88 -9.12
N ILE A 89 29.52 -8.63 -9.66
CA ILE A 89 28.50 -7.94 -8.87
C ILE A 89 27.95 -8.84 -7.78
N ILE A 90 27.85 -10.16 -8.04
CA ILE A 90 27.35 -11.07 -7.01
C ILE A 90 28.29 -11.10 -5.82
N LEU A 91 29.58 -11.33 -6.07
CA LEU A 91 30.55 -11.37 -4.98
C LEU A 91 30.74 -10.00 -4.35
N LYS A 92 30.54 -8.92 -5.10
CA LYS A 92 30.62 -7.59 -4.52
C LYS A 92 29.49 -7.38 -3.51
N GLN A 93 28.26 -7.75 -3.89
CA GLN A 93 27.16 -7.62 -2.94
C GLN A 93 27.36 -8.52 -1.74
N LYS A 94 27.88 -9.74 -1.96
CA LYS A 94 28.16 -10.63 -0.84
C LYS A 94 29.20 -10.03 0.11
N PHE A 95 30.27 -9.46 -0.44
CA PHE A 95 31.32 -8.87 0.37
C PHE A 95 30.82 -7.64 1.12
N LEU A 96 29.96 -6.83 0.48
CA LEU A 96 29.41 -5.67 1.15
C LEU A 96 28.49 -6.07 2.30
N GLU A 97 27.65 -7.09 2.09
CA GLU A 97 26.80 -7.56 3.17
C GLU A 97 27.61 -8.17 4.30
N ALA A 98 28.71 -8.86 3.97
CA ALA A 98 29.58 -9.40 5.00
C ALA A 98 30.24 -8.28 5.81
N LEU A 99 30.73 -7.24 5.13
CA LEU A 99 31.31 -6.10 5.83
C LEU A 99 30.29 -5.42 6.72
N CYS A 100 29.05 -5.27 6.23
CA CYS A 100 28.00 -4.62 7.02
C CYS A 100 27.65 -5.45 8.25
N VAL A 101 27.48 -6.76 8.10
CA VAL A 101 27.17 -7.60 9.26
C VAL A 101 28.36 -7.68 10.20
N ASN A 102 29.57 -7.44 9.71
CA ASN A 102 30.72 -7.35 10.60
C ASN A 102 30.69 -6.04 11.39
N ASN A 103 30.23 -4.96 10.76
CA ASN A 103 30.08 -3.67 11.44
C ASN A 103 28.78 -3.68 12.23
N ALA A 104 28.85 -4.24 13.44
CA ALA A 104 27.67 -4.35 14.29
C ALA A 104 28.12 -4.45 15.74
N MET A 105 27.74 -3.48 16.56
CA MET A 105 28.09 -3.48 17.98
C MET A 105 26.86 -3.17 18.84
N LEU A 114 31.62 -13.05 20.10
CA LEU A 114 31.64 -13.98 18.98
C LEU A 114 31.94 -13.26 17.67
N GLU A 115 33.18 -13.38 17.20
CA GLU A 115 33.60 -12.73 15.96
C GLU A 115 34.58 -13.61 15.22
N PHE A 116 34.20 -14.00 14.00
CA PHE A 116 35.13 -14.62 13.04
C PHE A 116 34.80 -14.15 11.63
N THR A 117 34.14 -13.00 11.49
CA THR A 117 33.59 -12.55 10.23
C THR A 117 34.58 -11.77 9.37
N MET A 118 35.69 -11.30 9.95
CA MET A 118 36.70 -10.64 9.13
C MET A 118 37.36 -11.61 8.16
N GLN A 119 37.47 -12.89 8.56
CA GLN A 119 37.96 -13.90 7.63
C GLN A 119 37.04 -14.01 6.42
N GLU A 120 35.72 -14.06 6.65
CA GLU A 120 34.77 -14.13 5.55
C GLU A 120 34.79 -12.86 4.71
N ALA A 121 34.98 -11.70 5.35
CA ALA A 121 35.06 -10.45 4.62
C ALA A 121 36.27 -10.45 3.68
N VAL A 122 37.44 -10.84 4.19
CA VAL A 122 38.65 -10.88 3.37
C VAL A 122 38.52 -11.93 2.27
N GLN A 123 37.88 -13.06 2.58
CA GLN A 123 37.69 -14.10 1.57
C GLN A 123 36.77 -13.63 0.45
N CYS A 124 35.69 -12.92 0.81
CA CYS A 124 34.79 -12.37 -0.21
C CYS A 124 35.47 -11.27 -1.02
N LEU A 125 36.33 -10.48 -0.38
CA LEU A 125 37.09 -9.47 -1.11
C LEU A 125 38.01 -10.12 -2.14
N HIS A 126 38.89 -11.01 -1.70
CA HIS A 126 39.80 -11.64 -2.64
C HIS A 126 39.13 -12.69 -3.53
N ALA A 127 37.83 -12.94 -3.33
CA ALA A 127 37.09 -13.78 -4.25
C ALA A 127 36.68 -13.01 -5.51
N LEU A 128 36.54 -11.68 -5.39
CA LEU A 128 36.15 -10.83 -6.50
C LEU A 128 37.31 -10.04 -7.08
N GLU A 129 38.52 -10.21 -6.52
CA GLU A 129 39.69 -9.51 -7.06
C GLU A 129 39.93 -9.88 -8.51
N GLU A 130 39.65 -11.13 -8.89
CA GLU A 130 39.86 -11.60 -10.25
C GLU A 130 38.70 -11.25 -11.19
N TYR A 131 37.79 -10.36 -10.78
CA TYR A 131 36.62 -10.04 -11.58
C TYR A 131 36.37 -8.54 -11.75
N CYS A 132 37.14 -7.67 -11.09
CA CYS A 132 36.92 -6.24 -11.23
C CYS A 132 37.36 -5.77 -12.62
N PRO A 133 36.66 -4.77 -13.18
CA PRO A 133 37.03 -4.27 -14.51
C PRO A 133 38.39 -3.60 -14.52
N SER A 134 38.64 -2.74 -13.53
CA SER A 134 39.90 -2.04 -13.39
C SER A 134 40.48 -2.30 -12.01
N LYS A 135 41.79 -2.06 -11.88
CA LYS A 135 42.48 -2.33 -10.63
C LYS A 135 42.28 -1.23 -9.60
N ASP A 136 42.09 0.01 -10.03
CA ASP A 136 41.87 1.10 -9.09
C ASP A 136 40.53 0.96 -8.37
N ASP A 137 39.52 0.39 -9.04
CA ASP A 137 38.25 0.13 -8.38
C ASP A 137 38.42 -0.86 -7.23
N TYR A 138 39.14 -1.95 -7.47
CA TYR A 138 39.41 -2.91 -6.41
C TYR A 138 40.26 -2.30 -5.31
N SER A 139 41.21 -1.43 -5.68
CA SER A 139 42.02 -0.76 -4.68
C SER A 139 41.18 0.13 -3.78
N LYS A 140 40.23 0.87 -4.36
CA LYS A 140 39.30 1.65 -3.55
C LYS A 140 38.43 0.76 -2.68
N LEU A 141 38.00 -0.38 -3.23
CA LEU A 141 37.21 -1.34 -2.44
C LEU A 141 37.99 -1.85 -1.24
N CYS A 142 39.31 -1.99 -1.37
CA CYS A 142 40.12 -2.43 -0.24
C CYS A 142 40.12 -1.43 0.90
N LEU A 143 39.90 -0.15 0.60
CA LEU A 143 39.88 0.87 1.63
C LEU A 143 38.61 0.86 2.47
N LEU A 144 37.56 0.17 2.02
CA LEU A 144 36.31 0.12 2.76
C LEU A 144 36.40 -0.68 4.05
N LEU A 145 37.48 -1.45 4.24
CA LEU A 145 37.65 -2.27 5.43
C LEU A 145 38.13 -1.48 6.63
N THR A 146 38.28 -0.16 6.50
CA THR A 146 38.77 0.68 7.58
C THR A 146 37.69 1.53 8.23
N LEU A 147 36.49 1.58 7.67
CA LEU A 147 35.42 2.40 8.21
C LEU A 147 34.54 1.59 9.17
N ALA A 154 31.06 3.84 4.00
CA ALA A 154 30.51 5.05 4.56
C ALA A 154 30.97 6.22 3.71
N GLU A 155 31.32 5.98 2.44
CA GLU A 155 31.64 7.07 1.54
C GLU A 155 30.59 7.22 0.44
N PHE A 156 29.58 6.36 0.41
CA PHE A 156 28.46 6.30 -0.53
C PHE A 156 27.34 5.56 0.20
N LYS A 157 26.86 6.15 1.30
CA LYS A 157 25.94 5.43 2.20
C LYS A 157 24.48 5.56 1.81
N ASP A 158 24.15 5.53 0.50
CA ASP A 158 22.81 5.17 0.07
C ASP A 158 22.68 3.68 -0.20
N TRP A 159 23.60 2.87 0.32
CA TRP A 159 23.62 1.44 0.05
C TRP A 159 22.72 0.77 1.09
N ASN A 160 21.53 0.36 0.66
CA ASN A 160 20.63 -0.42 1.47
C ASN A 160 20.60 -1.85 0.98
N PRO A 161 20.74 -2.84 1.87
CA PRO A 161 20.79 -4.24 1.39
C PRO A 161 19.60 -4.63 0.53
N SER A 162 18.38 -4.33 0.96
CA SER A 162 17.20 -4.63 0.15
C SER A 162 17.25 -3.90 -1.18
N THR A 163 17.58 -2.61 -1.15
CA THR A 163 17.73 -1.86 -2.39
C THR A 163 18.89 -2.40 -3.22
N ALA A 164 19.99 -2.77 -2.56
CA ALA A 164 21.13 -3.32 -3.28
C ALA A 164 20.77 -4.67 -3.90
N ARG A 165 20.05 -5.52 -3.18
CA ARG A 165 19.64 -6.79 -3.73
C ARG A 165 18.68 -6.62 -4.91
N VAL A 166 17.80 -5.61 -4.83
CA VAL A 166 16.88 -5.35 -5.94
C VAL A 166 17.64 -4.87 -7.16
N HIS A 167 18.60 -3.96 -6.96
CA HIS A 167 19.42 -3.48 -8.08
C HIS A 167 20.23 -4.63 -8.68
N CYS A 168 20.73 -5.52 -7.84
CA CYS A 168 21.50 -6.67 -8.33
C CYS A 168 20.62 -7.60 -9.14
N PHE A 169 19.40 -7.87 -8.67
CA PHE A 169 18.49 -8.71 -9.43
C PHE A 169 18.14 -8.07 -10.77
N GLU A 170 17.94 -6.75 -10.80
CA GLU A 170 17.66 -6.08 -12.06
C GLU A 170 18.85 -6.17 -13.01
N GLU A 171 20.05 -5.96 -12.50
CA GLU A 171 21.24 -5.94 -13.34
C GLU A 171 21.58 -7.33 -13.86
N VAL A 172 21.22 -8.39 -13.12
CA VAL A 172 21.41 -9.73 -13.66
C VAL A 172 20.25 -10.19 -14.54
N CYS A 173 19.06 -9.63 -14.34
CA CYS A 173 17.91 -10.00 -15.17
C CYS A 173 17.95 -9.33 -16.53
N VAL A 174 18.59 -8.17 -16.63
CA VAL A 174 18.70 -7.50 -17.92
C VAL A 174 19.71 -8.22 -18.80
N MET A 175 20.33 -9.28 -18.29
CA MET A 175 21.29 -10.06 -19.07
C MET A 175 21.03 -11.55 -19.08
N VAL A 176 20.31 -12.11 -18.11
CA VAL A 176 20.04 -13.55 -18.12
C VAL A 176 18.76 -13.87 -18.88
N ALA A 177 17.88 -12.88 -19.11
CA ALA A 177 16.61 -13.13 -19.76
C ALA A 177 16.77 -13.53 -21.22
N GLU A 178 17.93 -13.26 -21.84
CA GLU A 178 18.15 -13.70 -23.20
C GLU A 178 18.18 -15.23 -23.30
N PHE A 179 18.69 -15.89 -22.27
CA PHE A 179 18.71 -17.35 -22.22
C PHE A 179 17.51 -17.90 -21.45
N ILE A 180 16.97 -17.11 -20.52
CA ILE A 180 15.77 -17.46 -19.77
C ILE A 180 14.59 -16.70 -20.38
N PRO A 181 13.88 -17.26 -21.35
CA PRO A 181 12.79 -16.53 -21.99
C PRO A 181 11.64 -16.27 -21.04
N ALA A 182 10.87 -15.22 -21.34
CA ALA A 182 9.79 -14.77 -20.48
C ALA A 182 8.51 -15.58 -20.66
N ASP A 183 8.47 -16.52 -21.61
CA ASP A 183 7.29 -17.36 -21.84
C ASP A 183 6.07 -16.53 -22.21
N ARG A 184 6.26 -15.55 -23.07
CA ARG A 184 5.17 -14.67 -23.50
C ARG A 184 4.74 -14.98 -24.93
N GLU A 188 2.83 -11.43 -22.45
CA GLU A 188 3.17 -10.01 -22.57
C GLU A 188 3.18 -9.32 -21.21
N ALA A 189 3.51 -8.04 -21.20
CA ALA A 189 3.58 -7.28 -19.96
C ALA A 189 2.21 -6.77 -19.54
N GLY A 190 1.23 -7.65 -19.50
CA GLY A 190 -0.11 -7.32 -19.06
C GLY A 190 -0.38 -7.56 -17.60
N PHE A 191 0.62 -8.01 -16.85
CA PHE A 191 0.49 -8.26 -15.42
C PHE A 191 1.32 -7.30 -14.58
N LYS A 192 1.99 -6.33 -15.20
CA LYS A 192 2.77 -5.36 -14.46
C LYS A 192 1.89 -4.17 -14.05
N ALA A 193 2.18 -3.62 -12.87
CA ALA A 193 1.42 -2.50 -12.31
C ALA A 193 1.81 -1.16 -12.89
N SER A 194 2.16 -1.12 -14.18
CA SER A 194 2.56 0.13 -14.88
C SER A 194 3.66 0.88 -14.11
N ASN A 195 3.56 2.21 -14.08
CA ASN A 195 4.51 3.08 -13.35
C ASN A 195 3.70 4.25 -12.82
N ASN A 196 3.74 4.46 -11.51
CA ASN A 196 3.03 5.54 -10.83
C ASN A 196 1.53 5.49 -11.09
N ARG A 197 0.99 4.32 -11.42
CA ARG A 197 -0.43 4.21 -11.72
C ARG A 197 -1.30 4.49 -10.50
N LEU A 198 -0.84 4.09 -9.31
CA LEU A 198 -1.58 4.40 -8.09
C LEU A 198 -1.74 5.91 -7.91
N PHE A 199 -0.65 6.66 -8.14
CA PHE A 199 -0.71 8.11 -8.06
C PHE A 199 -1.71 8.67 -9.06
N GLN A 200 -1.68 8.17 -10.29
CA GLN A 200 -2.61 8.65 -11.32
C GLN A 200 -4.06 8.39 -10.93
N LEU A 201 -4.35 7.17 -10.44
CA LEU A 201 -5.72 6.86 -10.07
C LEU A 201 -6.19 7.66 -8.86
N VAL A 202 -5.29 7.91 -7.90
CA VAL A 202 -5.64 8.73 -6.76
C VAL A 202 -5.97 10.16 -7.20
N MET A 203 -5.14 10.73 -8.07
CA MET A 203 -5.40 12.08 -8.56
C MET A 203 -6.68 12.13 -9.39
N LYS A 204 -6.97 11.07 -10.14
CA LYS A 204 -8.19 11.04 -10.93
C LYS A 204 -9.43 10.90 -10.04
N GLY A 205 -9.32 10.17 -8.94
CA GLY A 205 -10.42 10.15 -7.98
C GLY A 205 -10.64 11.50 -7.33
N LEU A 206 -9.55 12.21 -7.02
CA LEU A 206 -9.68 13.57 -6.50
C LEU A 206 -10.37 14.47 -7.52
N LEU A 207 -10.01 14.34 -8.79
CA LEU A 207 -10.66 15.14 -9.83
C LEU A 207 -12.12 14.75 -10.02
N TYR A 208 -12.46 13.48 -9.84
CA TYR A 208 -13.86 13.07 -9.88
C TYR A 208 -14.65 13.72 -8.75
N GLU A 209 -14.05 13.77 -7.56
CA GLU A 209 -14.70 14.45 -6.44
C GLU A 209 -14.86 15.94 -6.72
N CYS A 210 -13.86 16.55 -7.35
CA CYS A 210 -13.96 17.96 -7.74
C CYS A 210 -15.08 18.18 -8.74
N CYS A 211 -15.19 17.30 -9.74
CA CYS A 211 -16.23 17.44 -10.75
C CYS A 211 -17.62 17.26 -10.14
N VAL A 212 -17.76 16.32 -9.20
CA VAL A 212 -19.09 16.11 -8.61
C VAL A 212 -19.44 17.27 -7.66
N GLU A 213 -18.45 17.84 -6.97
CA GLU A 213 -18.74 19.01 -6.15
C GLU A 213 -19.06 20.23 -7.01
N PHE A 214 -18.48 20.31 -8.21
CA PHE A 214 -18.85 21.37 -9.13
C PHE A 214 -20.27 21.20 -9.64
N CYS A 215 -20.61 19.99 -10.08
CA CYS A 215 -21.96 19.73 -10.59
C CYS A 215 -23.02 19.93 -9.52
N GLN A 216 -22.70 19.60 -8.27
CA GLN A 216 -23.64 19.86 -7.18
C GLN A 216 -23.77 21.35 -6.91
N SER A 217 -22.67 22.09 -7.06
CA SER A 217 -22.70 23.52 -6.75
C SER A 217 -23.51 24.29 -7.79
N LYS A 218 -23.22 24.09 -9.07
CA LYS A 218 -23.90 24.83 -10.12
C LYS A 218 -25.34 24.37 -10.35
N ALA A 219 -25.76 23.27 -9.72
CA ALA A 219 -27.14 22.81 -9.81
C ALA A 219 -27.98 23.23 -8.61
N THR A 220 -27.36 23.54 -7.48
CA THR A 220 -28.07 23.96 -6.28
C THR A 220 -28.12 25.47 -6.11
N GLY A 221 -27.74 26.22 -7.15
CA GLY A 221 -27.76 27.67 -7.06
C GLY A 221 -26.60 28.27 -6.29
N GLU A 222 -25.39 27.77 -6.52
CA GLU A 222 -24.20 28.27 -5.85
C GLU A 222 -23.18 28.70 -6.89
N GLU A 223 -22.57 29.87 -6.66
CA GLU A 223 -21.48 30.32 -7.51
C GLU A 223 -20.24 29.45 -7.28
N ILE A 224 -19.45 29.27 -8.33
CA ILE A 224 -18.31 28.36 -8.28
C ILE A 224 -17.33 28.75 -9.37
N THR A 225 -16.04 28.52 -9.11
CA THR A 225 -14.98 28.74 -10.08
C THR A 225 -14.05 27.54 -10.08
N GLU A 226 -12.97 27.63 -10.86
CA GLU A 226 -12.08 26.49 -11.06
C GLU A 226 -11.01 26.38 -9.99
N SER A 227 -10.54 27.50 -9.45
CA SER A 227 -9.49 27.42 -8.43
C SER A 227 -10.04 26.91 -7.11
N GLU A 228 -11.29 27.25 -6.77
CA GLU A 228 -11.85 26.84 -5.49
C GLU A 228 -12.08 25.33 -5.42
N VAL A 229 -12.54 24.72 -6.52
CA VAL A 229 -12.72 23.28 -6.52
C VAL A 229 -11.38 22.56 -6.50
N LEU A 230 -10.32 23.17 -7.05
CA LEU A 230 -9.00 22.57 -6.98
C LEU A 230 -8.43 22.66 -5.56
N LEU A 231 -8.63 23.80 -4.89
CA LEU A 231 -8.23 23.89 -3.49
C LEU A 231 -9.07 22.99 -2.60
N GLY A 232 -10.29 22.65 -3.00
CA GLY A 232 -11.15 21.81 -2.20
C GLY A 232 -10.86 20.33 -2.33
N ILE A 233 -9.59 19.96 -2.45
CA ILE A 233 -9.17 18.57 -2.59
C ILE A 233 -8.79 18.05 -1.21
N ASP A 234 -9.48 17.01 -0.77
CA ASP A 234 -9.22 16.36 0.51
C ASP A 234 -8.67 14.97 0.21
N LEU A 235 -7.34 14.82 0.32
CA LEU A 235 -6.72 13.55 -0.03
C LEU A 235 -7.05 12.47 1.00
N LEU A 236 -6.94 12.80 2.29
CA LEU A 236 -7.22 11.84 3.35
C LEU A 236 -8.68 11.79 3.74
N CYS A 237 -9.48 12.78 3.33
CA CYS A 237 -10.92 12.80 3.59
C CYS A 237 -11.24 12.74 5.08
N GLY A 240 -14.91 16.19 3.39
CA GLY A 240 -15.58 15.85 2.15
C GLY A 240 -15.68 14.36 1.90
N CYS A 241 -16.51 13.69 2.69
CA CYS A 241 -16.68 12.24 2.57
C CYS A 241 -17.88 11.92 1.67
N ASP A 242 -17.82 12.42 0.44
CA ASP A 242 -18.83 12.12 -0.55
C ASP A 242 -18.72 10.66 -0.96
N ASP A 243 -19.79 9.90 -0.74
CA ASP A 243 -19.77 8.46 -0.97
C ASP A 243 -19.64 8.16 -2.47
N LEU A 244 -19.31 6.91 -2.77
CA LEU A 244 -19.04 6.48 -4.13
C LEU A 244 -20.32 6.00 -4.81
N ASP A 245 -20.61 6.54 -5.99
CA ASP A 245 -21.68 6.06 -6.84
C ASP A 245 -21.45 6.58 -8.25
N LEU A 246 -22.16 5.97 -9.19
CA LEU A 246 -22.06 6.33 -10.61
C LEU A 246 -23.08 7.39 -11.03
N SER A 247 -23.38 8.34 -10.13
CA SER A 247 -24.36 9.37 -10.43
C SER A 247 -23.92 10.24 -11.60
N LEU A 248 -22.64 10.62 -11.64
CA LEU A 248 -22.15 11.44 -12.75
C LEU A 248 -22.24 10.69 -14.07
N LEU A 249 -22.00 9.38 -14.04
CA LEU A 249 -22.10 8.59 -15.27
C LEU A 249 -23.53 8.53 -15.77
N SER A 250 -24.50 8.38 -14.87
CA SER A 250 -25.90 8.38 -15.28
C SER A 250 -26.33 9.76 -15.76
N TRP A 251 -25.79 10.82 -15.16
CA TRP A 251 -26.08 12.16 -15.63
C TRP A 251 -25.53 12.39 -17.03
N LEU A 252 -24.37 11.79 -17.33
CA LEU A 252 -23.82 11.87 -18.69
C LEU A 252 -24.66 11.04 -19.66
N GLN A 253 -25.13 9.88 -19.21
CA GLN A 253 -26.04 9.06 -20.03
C GLN A 253 -27.28 9.86 -20.40
N ASN A 254 -28.05 10.27 -19.40
CA ASN A 254 -29.28 11.04 -19.60
C ASN A 254 -28.92 12.53 -19.68
N LEU A 255 -28.31 12.88 -20.82
CA LEU A 255 -27.88 14.23 -21.18
C LEU A 255 -27.79 14.25 -22.70
N PRO A 256 -28.26 15.30 -23.36
CA PRO A 256 -28.32 15.29 -24.83
C PRO A 256 -26.94 15.25 -25.46
N SER A 257 -26.88 14.67 -26.65
CA SER A 257 -25.63 14.42 -27.35
C SER A 257 -25.15 15.61 -28.18
N SER A 258 -25.76 16.78 -28.03
CA SER A 258 -25.42 17.94 -28.85
C SER A 258 -24.59 18.98 -28.10
N VAL A 259 -24.07 18.64 -26.92
CA VAL A 259 -23.29 19.58 -26.13
C VAL A 259 -22.00 18.94 -25.66
N PHE A 260 -21.72 17.73 -26.15
CA PHE A 260 -20.51 17.02 -25.77
C PHE A 260 -19.28 17.48 -26.53
N SER A 261 -19.39 18.55 -27.34
CA SER A 261 -18.28 19.12 -28.09
C SER A 261 -18.33 20.64 -27.92
N CYS A 262 -17.76 21.11 -26.82
CA CYS A 262 -17.72 22.53 -26.49
C CYS A 262 -16.27 23.03 -26.56
N ALA A 263 -16.09 24.32 -26.27
CA ALA A 263 -14.81 24.98 -26.36
C ALA A 263 -14.38 25.44 -24.96
N PHE A 264 -13.28 24.86 -24.46
CA PHE A 264 -12.79 25.18 -23.14
C PHE A 264 -11.26 25.18 -23.13
N GLU A 265 -10.69 25.96 -22.22
CA GLU A 265 -9.24 26.13 -22.17
C GLU A 265 -8.57 24.90 -21.56
N GLN A 266 -7.55 24.41 -22.24
CA GLN A 266 -6.74 23.29 -21.74
C GLN A 266 -5.72 23.88 -20.77
N LYS A 267 -6.05 23.82 -19.47
CA LYS A 267 -5.30 24.56 -18.45
C LYS A 267 -3.92 23.96 -18.20
N MET A 268 -3.05 24.79 -17.63
CA MET A 268 -1.69 24.42 -17.27
C MET A 268 -1.72 23.70 -15.92
N LEU A 269 -1.73 22.38 -15.97
CA LEU A 269 -1.86 21.58 -14.76
C LEU A 269 -0.49 21.22 -14.19
N ASN A 270 -0.30 21.48 -12.91
CA ASN A 270 0.96 21.22 -12.21
C ASN A 270 0.64 20.60 -10.86
N ILE A 271 1.42 19.58 -10.49
CA ILE A 271 1.23 18.88 -9.22
C ILE A 271 2.56 18.92 -8.47
N HIS A 272 2.63 19.74 -7.42
CA HIS A 272 3.80 19.76 -6.56
C HIS A 272 3.70 18.65 -5.53
N VAL A 273 4.72 17.80 -5.47
CA VAL A 273 4.72 16.61 -4.63
C VAL A 273 5.69 16.85 -3.48
N ASP A 274 5.16 17.01 -2.27
CA ASP A 274 5.99 17.09 -1.08
C ASP A 274 6.58 15.72 -0.80
N LYS A 275 7.89 15.58 -1.06
CA LYS A 275 8.52 14.27 -1.03
C LYS A 275 8.69 13.79 0.41
N LEU A 276 9.28 12.60 0.54
CA LEU A 276 9.23 11.84 1.78
C LEU A 276 10.36 12.21 2.74
N LEU A 277 10.04 12.21 4.02
CA LEU A 277 10.97 12.47 5.12
C LEU A 277 11.66 11.19 5.61
N LYS A 278 12.24 10.45 4.66
CA LYS A 278 12.89 9.17 4.91
C LYS A 278 13.85 9.23 6.09
N PRO A 279 13.56 8.53 7.19
CA PRO A 279 14.40 8.62 8.37
C PRO A 279 15.72 7.89 8.18
N THR A 280 16.61 8.06 9.17
CA THR A 280 17.95 7.49 9.15
C THR A 280 18.06 6.46 10.28
N LYS A 281 17.63 5.24 9.99
CA LYS A 281 17.82 4.13 10.92
C LYS A 281 17.66 2.82 10.15
N ALA A 282 18.59 1.90 10.37
CA ALA A 282 18.58 0.62 9.68
C ALA A 282 19.47 -0.41 10.38
N GLU B 9 -4.20 26.91 -10.97
CA GLU B 9 -4.00 25.71 -11.77
C GLU B 9 -2.85 24.86 -11.23
N THR B 10 -2.80 24.73 -9.90
CA THR B 10 -1.77 23.94 -9.23
C THR B 10 -2.39 23.21 -8.04
N VAL B 11 -1.92 21.99 -7.81
CA VAL B 11 -2.41 21.14 -6.72
C VAL B 11 -1.21 20.62 -5.93
N ASN B 12 -1.35 20.57 -4.61
CA ASN B 12 -0.30 20.10 -3.72
C ASN B 12 -0.74 18.80 -3.06
N VAL B 13 0.11 17.77 -3.15
CA VAL B 13 -0.14 16.48 -2.54
C VAL B 13 1.10 16.04 -1.78
N LYS B 14 0.88 15.28 -0.71
CA LYS B 14 1.95 14.83 0.18
C LYS B 14 2.09 13.32 0.08
N GLU B 15 3.33 12.85 -0.09
CA GLU B 15 3.55 11.41 -0.16
C GLU B 15 3.23 10.73 1.15
N VAL B 16 3.37 11.43 2.28
CA VAL B 16 3.05 10.83 3.57
C VAL B 16 1.57 10.48 3.65
N GLU B 17 0.71 11.28 3.02
CA GLU B 17 -0.71 10.95 3.00
C GLU B 17 -1.00 9.76 2.10
N ILE B 18 -0.24 9.59 1.02
CA ILE B 18 -0.39 8.40 0.20
C ILE B 18 0.04 7.16 0.98
N ILE B 19 1.12 7.28 1.76
CA ILE B 19 1.54 6.15 2.56
C ILE B 19 0.53 5.87 3.67
N LYS B 20 -0.13 6.92 4.19
CA LYS B 20 -1.23 6.69 5.13
C LYS B 20 -2.37 5.93 4.48
N LEU B 21 -2.68 6.26 3.22
CA LEU B 21 -3.71 5.54 2.49
C LEU B 21 -3.34 4.05 2.35
N ILE B 22 -2.11 3.78 1.90
CA ILE B 22 -1.74 2.38 1.71
C ILE B 22 -1.63 1.66 3.05
N LEU B 23 -1.31 2.38 4.13
CA LEU B 23 -1.30 1.78 5.46
C LEU B 23 -2.70 1.38 5.89
N ASP B 24 -3.67 2.27 5.68
CA ASP B 24 -5.06 1.93 5.94
C ASP B 24 -5.49 0.70 5.12
N PHE B 25 -5.03 0.64 3.86
CA PHE B 25 -5.37 -0.51 3.02
C PHE B 25 -4.78 -1.80 3.59
N LEU B 26 -3.49 -1.78 3.94
CA LEU B 26 -2.85 -2.96 4.52
C LEU B 26 -3.57 -3.40 5.79
N ASN B 27 -3.96 -2.44 6.63
CA ASN B 27 -4.69 -2.80 7.85
C ASN B 27 -6.06 -3.40 7.52
N SER B 28 -6.72 -2.87 6.50
CA SER B 28 -8.03 -3.40 6.12
C SER B 28 -7.92 -4.79 5.52
N LYS B 29 -6.77 -5.14 4.96
CA LYS B 29 -6.54 -6.46 4.41
C LYS B 29 -5.69 -7.34 5.33
N LYS B 30 -5.54 -6.95 6.59
CA LYS B 30 -4.83 -7.75 7.61
C LYS B 30 -3.40 -8.07 7.19
N LEU B 31 -2.78 -7.18 6.42
CA LEU B 31 -1.37 -7.30 6.08
C LEU B 31 -0.53 -6.49 7.07
N HIS B 32 -0.58 -6.94 8.34
CA HIS B 32 -0.04 -6.13 9.43
C HIS B 32 1.49 -6.17 9.46
N ILE B 33 2.11 -7.24 8.99
CA ILE B 33 3.56 -7.28 8.94
C ILE B 33 4.06 -6.26 7.92
N SER B 34 3.42 -6.22 6.75
CA SER B 34 3.74 -5.21 5.75
C SER B 34 3.48 -3.81 6.29
N MET B 35 2.40 -3.65 7.05
CA MET B 35 2.07 -2.35 7.62
C MET B 35 3.16 -1.88 8.59
N LEU B 36 3.59 -2.76 9.48
CA LEU B 36 4.62 -2.39 10.44
C LEU B 36 5.95 -2.11 9.75
N ALA B 37 6.28 -2.89 8.71
CA ALA B 37 7.49 -2.61 7.93
C ALA B 37 7.41 -1.23 7.28
N LEU B 38 6.27 -0.91 6.69
CA LEU B 38 6.11 0.39 6.02
C LEU B 38 6.17 1.53 7.02
N GLU B 39 5.59 1.34 8.21
CA GLU B 39 5.67 2.36 9.25
C GLU B 39 7.11 2.59 9.68
N LYS B 40 7.80 1.51 10.08
CA LYS B 40 9.15 1.67 10.58
C LYS B 40 10.13 2.11 9.50
N GLU B 41 9.78 1.94 8.22
CA GLU B 41 10.68 2.37 7.15
C GLU B 41 10.42 3.81 6.72
N SER B 42 9.16 4.19 6.54
CA SER B 42 8.80 5.54 6.13
C SER B 42 8.56 6.48 7.31
N GLY B 43 8.53 5.96 8.53
CA GLY B 43 8.36 6.77 9.71
C GLY B 43 6.95 7.24 9.98
N VAL B 44 6.01 7.00 9.08
CA VAL B 44 4.67 7.54 9.22
C VAL B 44 3.76 6.52 9.87
N ILE B 45 2.80 7.02 10.65
CA ILE B 45 1.77 6.21 11.30
C ILE B 45 0.43 6.85 10.99
N ASN B 46 -0.52 6.04 10.51
CA ASN B 46 -1.83 6.54 10.13
C ASN B 46 -2.59 6.97 11.38
N GLY B 47 -2.62 8.27 11.62
CA GLY B 47 -3.26 8.84 12.79
C GLY B 47 -2.29 9.67 13.62
N LEU B 48 -2.86 10.35 14.60
CA LEU B 48 -2.10 11.19 15.52
C LEU B 48 -2.41 10.74 16.94
N PHE B 49 -1.47 10.02 17.54
CA PHE B 49 -1.60 9.54 18.89
C PHE B 49 -0.77 10.40 19.85
N SER B 50 -1.08 10.28 21.13
CA SER B 50 -0.32 10.97 22.15
C SER B 50 1.12 10.48 22.18
N ASP B 51 1.99 11.26 22.81
CA ASP B 51 3.38 10.85 22.99
C ASP B 51 3.49 9.61 23.86
N ASP B 52 2.51 9.36 24.73
CA ASP B 52 2.47 8.13 25.52
C ASP B 52 1.68 7.02 24.83
N MET B 53 0.74 7.38 23.96
CA MET B 53 0.04 6.37 23.19
C MET B 53 0.97 5.66 22.22
N LEU B 54 1.95 6.38 21.67
CA LEU B 54 2.97 5.72 20.86
C LEU B 54 3.79 4.74 21.67
N PHE B 55 4.10 5.09 22.93
CA PHE B 55 4.81 4.16 23.80
C PHE B 55 3.97 2.91 24.07
N LEU B 56 2.68 3.10 24.35
CA LEU B 56 1.80 1.95 24.57
C LEU B 56 1.71 1.09 23.32
N ARG B 57 1.63 1.71 22.15
CA ARG B 57 1.59 0.97 20.89
C ARG B 57 2.86 0.17 20.69
N GLN B 58 4.02 0.78 20.94
CA GLN B 58 5.28 0.06 20.79
C GLN B 58 5.39 -1.08 21.78
N LEU B 59 4.85 -0.91 22.99
CA LEU B 59 4.83 -1.99 23.96
C LEU B 59 3.96 -3.15 23.47
N ILE B 60 2.75 -2.83 22.99
CA ILE B 60 1.83 -3.87 22.56
C ILE B 60 2.36 -4.61 21.35
N LEU B 61 2.94 -3.89 20.39
CA LEU B 61 3.45 -4.53 19.19
C LEU B 61 4.74 -5.31 19.43
N ASP B 62 5.42 -5.08 20.55
CA ASP B 62 6.64 -5.80 20.87
C ASP B 62 6.44 -6.86 21.94
N GLY B 63 5.22 -7.02 22.45
CA GLY B 63 4.93 -8.08 23.39
C GLY B 63 5.38 -7.83 24.81
N GLN B 64 5.35 -6.59 25.27
CA GLN B 64 5.74 -6.26 26.64
C GLN B 64 4.49 -6.15 27.52
N TRP B 65 3.90 -7.32 27.79
CA TRP B 65 2.58 -7.35 28.43
C TRP B 65 2.67 -6.91 29.89
N ASP B 66 3.72 -7.31 30.61
CA ASP B 66 3.88 -6.87 31.98
C ASP B 66 4.10 -5.36 32.05
N GLU B 67 4.85 -4.82 31.09
CA GLU B 67 5.03 -3.37 31.02
C GLU B 67 3.74 -2.66 30.68
N VAL B 68 2.91 -3.26 29.83
CA VAL B 68 1.60 -2.68 29.52
C VAL B 68 0.73 -2.67 30.76
N LEU B 69 0.79 -3.75 31.56
CA LEU B 69 -0.04 -3.82 32.76
C LEU B 69 0.42 -2.81 33.81
N GLN B 70 1.73 -2.68 34.02
CA GLN B 70 2.23 -1.68 34.95
C GLN B 70 2.10 -0.26 34.42
N PHE B 71 1.85 -0.10 33.11
CA PHE B 71 1.71 1.23 32.52
C PHE B 71 0.31 1.80 32.71
N ILE B 72 -0.72 0.94 32.69
CA ILE B 72 -2.10 1.39 32.83
C ILE B 72 -2.62 1.24 34.25
N GLN B 73 -1.90 0.56 35.13
CA GLN B 73 -2.31 0.47 36.53
C GLN B 73 -2.53 1.83 37.19
N PRO B 74 -1.78 2.89 36.90
CA PRO B 74 -2.17 4.21 37.41
C PRO B 74 -3.57 4.64 37.02
N LEU B 75 -4.15 4.05 35.98
CA LEU B 75 -5.52 4.34 35.56
C LEU B 75 -6.51 3.30 36.07
N GLU B 76 -6.14 2.53 37.08
CA GLU B 76 -7.01 1.47 37.58
C GLU B 76 -8.27 2.04 38.21
N CYS B 77 -8.11 2.76 39.32
CA CYS B 77 -9.26 3.34 40.05
C CYS B 77 -9.75 4.55 39.27
N MET B 78 -10.67 4.31 38.34
CA MET B 78 -11.29 5.37 37.56
C MET B 78 -12.79 5.10 37.49
N GLU B 79 -13.45 5.67 36.48
CA GLU B 79 -14.90 5.55 36.37
C GLU B 79 -15.28 4.56 35.28
N LYS B 80 -15.36 5.04 34.03
CA LYS B 80 -15.73 4.20 32.91
C LYS B 80 -14.60 3.31 32.41
N PHE B 81 -13.45 3.33 33.07
CA PHE B 81 -12.30 2.52 32.67
C PHE B 81 -12.60 1.06 33.00
N ASP B 82 -12.93 0.27 31.98
CA ASP B 82 -13.24 -1.15 32.16
C ASP B 82 -11.93 -1.90 32.34
N LYS B 83 -11.43 -1.90 33.59
CA LYS B 83 -10.20 -2.62 33.89
C LYS B 83 -10.38 -4.13 33.72
N LYS B 84 -11.59 -4.64 33.97
CA LYS B 84 -11.87 -6.05 33.77
C LYS B 84 -11.55 -6.46 32.33
N ARG B 85 -12.19 -5.80 31.36
CA ARG B 85 -11.99 -6.16 29.96
C ARG B 85 -10.57 -5.85 29.49
N PHE B 86 -9.97 -4.77 29.99
CA PHE B 86 -8.60 -4.43 29.61
C PHE B 86 -7.63 -5.53 30.03
N ARG B 87 -7.65 -5.88 31.32
CA ARG B 87 -6.78 -6.96 31.80
C ARG B 87 -7.14 -8.29 31.15
N TYR B 88 -8.42 -8.51 30.84
CA TYR B 88 -8.81 -9.73 30.14
C TYR B 88 -8.15 -9.81 28.77
N ILE B 89 -8.20 -8.72 28.00
CA ILE B 89 -7.59 -8.70 26.68
C ILE B 89 -6.08 -8.94 26.79
N ILE B 90 -5.44 -8.21 27.71
CA ILE B 90 -3.98 -8.32 27.83
C ILE B 90 -3.57 -9.74 28.23
N LEU B 91 -4.18 -10.28 29.28
CA LEU B 91 -3.82 -11.61 29.75
C LEU B 91 -4.24 -12.70 28.77
N LYS B 92 -5.31 -12.47 28.00
CA LYS B 92 -5.69 -13.46 27.00
C LYS B 92 -4.68 -13.51 25.86
N GLN B 93 -4.21 -12.35 25.41
CA GLN B 93 -3.15 -12.36 24.41
C GLN B 93 -1.88 -13.00 24.95
N LYS B 94 -1.53 -12.69 26.21
CA LYS B 94 -0.36 -13.30 26.83
C LYS B 94 -0.49 -14.82 26.90
N PHE B 95 -1.66 -15.31 27.31
CA PHE B 95 -1.89 -16.75 27.40
C PHE B 95 -1.86 -17.41 26.04
N LEU B 96 -2.43 -16.75 25.01
CA LEU B 96 -2.40 -17.33 23.67
C LEU B 96 -0.98 -17.38 23.12
N GLU B 97 -0.16 -16.36 23.41
CA GLU B 97 1.23 -16.41 22.97
C GLU B 97 2.00 -17.52 23.69
N ALA B 98 1.78 -17.66 25.00
CA ALA B 98 2.42 -18.75 25.72
C ALA B 98 1.97 -20.10 25.19
N LEU B 99 0.70 -20.22 24.81
CA LEU B 99 0.18 -21.47 24.27
C LEU B 99 0.77 -21.77 22.91
N CYS B 100 0.95 -20.75 22.07
CA CYS B 100 1.57 -20.94 20.77
C CYS B 100 3.05 -21.30 20.91
N VAL B 101 3.71 -20.79 21.95
CA VAL B 101 5.08 -21.22 22.23
C VAL B 101 5.11 -22.66 22.70
N ASN B 102 4.12 -23.06 23.51
CA ASN B 102 4.10 -24.41 24.05
C ASN B 102 3.83 -25.44 22.97
N ASN B 103 2.77 -25.25 22.18
CA ASN B 103 2.39 -26.26 21.20
C ASN B 103 3.39 -26.37 20.05
N ALA B 104 4.25 -25.36 19.87
CA ALA B 104 5.31 -25.43 18.88
C ALA B 104 6.63 -25.96 19.45
N MET B 105 6.74 -26.04 20.77
CA MET B 105 7.94 -26.63 21.38
C MET B 105 8.02 -28.12 21.11
N SER B 106 6.87 -28.79 20.96
CA SER B 106 6.85 -30.22 20.68
C SER B 106 7.20 -30.50 19.22
N LEU B 114 6.92 -29.68 27.91
CA LEU B 114 8.25 -29.40 27.38
C LEU B 114 8.83 -28.13 28.01
N GLU B 115 10.04 -28.26 28.57
CA GLU B 115 10.75 -27.16 29.23
C GLU B 115 9.82 -26.56 30.28
N PHE B 116 9.58 -25.25 30.28
CA PHE B 116 8.67 -24.62 31.23
C PHE B 116 7.56 -23.85 30.54
N THR B 117 7.46 -23.93 29.21
CA THR B 117 6.43 -23.19 28.51
C THR B 117 5.03 -23.68 28.86
N MET B 118 4.91 -24.95 29.22
CA MET B 118 3.63 -25.44 29.75
C MET B 118 3.31 -24.79 31.09
N GLN B 119 4.31 -24.67 31.97
CA GLN B 119 4.12 -23.97 33.24
C GLN B 119 3.71 -22.52 33.00
N GLU B 120 4.35 -21.85 32.04
CA GLU B 120 4.00 -20.47 31.75
C GLU B 120 2.58 -20.35 31.20
N ALA B 121 2.19 -21.28 30.32
CA ALA B 121 0.83 -21.25 29.78
C ALA B 121 -0.20 -21.47 30.88
N VAL B 122 0.05 -22.40 31.79
CA VAL B 122 -0.90 -22.66 32.87
C VAL B 122 -0.94 -21.48 33.84
N GLN B 123 0.20 -20.84 34.09
CA GLN B 123 0.22 -19.65 34.95
C GLN B 123 -0.57 -18.52 34.33
N CYS B 124 -0.43 -18.31 33.02
CA CYS B 124 -1.22 -17.30 32.33
C CYS B 124 -2.70 -17.63 32.38
N LEU B 125 -3.03 -18.92 32.26
CA LEU B 125 -4.44 -19.32 32.32
C LEU B 125 -5.01 -19.06 33.72
N HIS B 126 -4.22 -19.30 34.76
CA HIS B 126 -4.71 -19.02 36.12
C HIS B 126 -4.82 -17.52 36.36
N ALA B 127 -3.92 -16.72 35.78
CA ALA B 127 -4.04 -15.27 35.91
C ALA B 127 -5.26 -14.74 35.16
N LEU B 128 -5.63 -15.40 34.07
CA LEU B 128 -6.80 -15.00 33.29
C LEU B 128 -8.11 -15.57 33.87
N GLU B 129 -8.02 -16.59 34.71
CA GLU B 129 -9.14 -17.26 35.35
C GLU B 129 -10.20 -16.33 35.92
N GLU B 130 -9.84 -15.10 36.30
CA GLU B 130 -10.80 -14.21 36.93
C GLU B 130 -11.41 -13.18 35.98
N TYR B 131 -10.60 -12.58 35.10
CA TYR B 131 -11.08 -11.51 34.24
C TYR B 131 -11.91 -11.99 33.06
N CYS B 132 -12.14 -13.29 32.94
CA CYS B 132 -12.87 -13.82 31.79
C CYS B 132 -14.34 -13.39 31.88
N PRO B 133 -14.94 -12.97 30.76
CA PRO B 133 -16.35 -12.53 30.82
C PRO B 133 -17.31 -13.63 31.21
N SER B 134 -17.03 -14.88 30.85
CA SER B 134 -17.92 -15.98 31.18
C SER B 134 -17.10 -17.22 31.47
N LYS B 135 -17.69 -18.14 32.24
CA LYS B 135 -17.01 -19.39 32.54
C LYS B 135 -16.91 -20.28 31.30
N ASP B 136 -17.82 -20.10 30.34
CA ASP B 136 -17.76 -20.89 29.11
C ASP B 136 -16.54 -20.51 28.27
N ASP B 137 -16.21 -19.22 28.22
CA ASP B 137 -15.01 -18.79 27.49
C ASP B 137 -13.75 -19.30 28.17
N TYR B 138 -13.73 -19.32 29.51
CA TYR B 138 -12.60 -19.91 30.22
C TYR B 138 -12.50 -21.40 29.96
N SER B 139 -13.64 -22.08 29.83
CA SER B 139 -13.63 -23.49 29.45
C SER B 139 -13.08 -23.67 28.04
N LYS B 140 -13.42 -22.77 27.12
CA LYS B 140 -12.86 -22.83 25.78
C LYS B 140 -11.35 -22.61 25.81
N LEU B 141 -10.88 -21.72 26.66
CA LEU B 141 -9.44 -21.47 26.78
C LEU B 141 -8.71 -22.70 27.32
N CYS B 142 -9.24 -23.30 28.40
CA CYS B 142 -8.61 -24.49 28.96
C CYS B 142 -8.74 -25.69 28.04
N LEU B 143 -9.72 -25.68 27.13
CA LEU B 143 -9.81 -26.71 26.11
C LEU B 143 -8.77 -26.50 25.01
N LEU B 144 -8.54 -25.23 24.63
CA LEU B 144 -7.46 -24.91 23.70
C LEU B 144 -6.11 -25.31 24.26
N LEU B 145 -5.94 -25.20 25.58
CA LEU B 145 -4.67 -25.57 26.20
C LEU B 145 -4.30 -27.03 25.92
N THR B 146 -5.28 -27.89 25.62
CA THR B 146 -5.01 -29.31 25.39
C THR B 146 -4.65 -29.63 23.95
N LEU B 147 -5.16 -28.86 22.99
CA LEU B 147 -4.98 -29.19 21.59
C LEU B 147 -3.51 -29.09 21.20
N PRO B 148 -3.06 -29.95 20.27
CA PRO B 148 -1.67 -29.85 19.80
C PRO B 148 -1.38 -28.59 19.02
N ARG B 149 -2.41 -27.90 18.53
CA ARG B 149 -2.25 -26.58 17.91
C ARG B 149 -3.54 -25.80 18.13
N LEU B 150 -3.43 -24.62 18.74
CA LEU B 150 -4.60 -23.80 18.99
C LEU B 150 -5.28 -23.37 17.70
N THR B 151 -4.58 -23.44 16.57
CA THR B 151 -5.15 -23.14 15.27
C THR B 151 -6.08 -24.23 14.76
N ASN B 152 -6.22 -25.34 15.48
CA ASN B 152 -7.16 -26.39 15.12
C ASN B 152 -8.58 -26.10 15.60
N HIS B 153 -8.81 -24.93 16.18
CA HIS B 153 -10.14 -24.49 16.58
C HIS B 153 -10.69 -23.55 15.52
N ALA B 154 -12.00 -23.66 15.26
CA ALA B 154 -12.61 -22.87 14.20
C ALA B 154 -12.50 -21.37 14.45
N GLU B 155 -12.55 -20.95 15.71
CA GLU B 155 -12.46 -19.52 16.04
C GLU B 155 -11.03 -19.03 15.98
N PHE B 156 -10.07 -19.82 16.47
CA PHE B 156 -8.67 -19.46 16.50
C PHE B 156 -7.89 -20.06 15.34
N LYS B 157 -8.58 -20.50 14.28
CA LYS B 157 -7.91 -21.14 13.15
C LYS B 157 -6.93 -20.18 12.49
N ASP B 158 -7.43 -19.07 11.96
CA ASP B 158 -6.60 -18.04 11.36
C ASP B 158 -6.25 -16.98 12.41
N TRP B 159 -5.15 -17.22 13.12
CA TRP B 159 -4.74 -16.39 14.24
C TRP B 159 -3.25 -16.12 14.13
N ASN B 160 -2.87 -14.86 13.93
CA ASN B 160 -1.47 -14.47 13.88
C ASN B 160 -1.11 -13.68 15.13
N PRO B 161 0.16 -13.75 15.58
CA PRO B 161 0.57 -12.88 16.69
C PRO B 161 0.52 -11.41 16.34
N SER B 162 0.95 -11.03 15.14
CA SER B 162 0.99 -9.62 14.75
C SER B 162 -0.42 -9.04 14.65
N THR B 163 -1.31 -9.74 13.95
CA THR B 163 -2.68 -9.27 13.80
C THR B 163 -3.38 -9.20 15.16
N ALA B 164 -3.11 -10.18 16.02
CA ALA B 164 -3.72 -10.17 17.36
C ALA B 164 -3.21 -9.00 18.19
N ARG B 165 -1.92 -8.67 18.06
CA ARG B 165 -1.39 -7.51 18.77
C ARG B 165 -1.99 -6.21 18.25
N VAL B 166 -2.17 -6.11 16.92
CA VAL B 166 -2.79 -4.91 16.36
C VAL B 166 -4.23 -4.77 16.84
N HIS B 167 -4.98 -5.88 16.85
CA HIS B 167 -6.35 -5.84 17.36
C HIS B 167 -6.38 -5.47 18.84
N CYS B 168 -5.43 -5.99 19.62
CA CYS B 168 -5.35 -5.66 21.03
C CYS B 168 -5.09 -4.17 21.22
N PHE B 169 -4.18 -3.59 20.44
CA PHE B 169 -3.91 -2.16 20.56
C PHE B 169 -5.12 -1.33 20.13
N GLU B 170 -5.81 -1.77 19.08
CA GLU B 170 -7.01 -1.04 18.65
C GLU B 170 -8.10 -1.08 19.70
N GLU B 171 -8.21 -2.19 20.42
CA GLU B 171 -9.20 -2.29 21.48
C GLU B 171 -8.77 -1.53 22.73
N VAL B 172 -7.46 -1.39 22.96
CA VAL B 172 -6.99 -0.73 24.17
C VAL B 172 -7.02 0.79 24.02
N CYS B 173 -6.68 1.30 22.83
CA CYS B 173 -6.64 2.76 22.66
C CYS B 173 -8.04 3.35 22.73
N VAL B 174 -9.05 2.64 22.21
CA VAL B 174 -10.42 3.11 22.26
C VAL B 174 -10.92 3.22 23.69
N MET B 175 -10.35 2.44 24.61
CA MET B 175 -10.71 2.54 26.02
C MET B 175 -9.86 3.54 26.77
N VAL B 176 -8.60 3.71 26.37
CA VAL B 176 -7.69 4.59 27.11
C VAL B 176 -7.93 6.04 26.74
N ALA B 177 -8.05 6.33 25.44
CA ALA B 177 -8.21 7.70 24.97
C ALA B 177 -9.46 8.37 25.55
N PRO B 181 -4.69 9.46 28.13
CA PRO B 181 -6.07 9.65 27.66
C PRO B 181 -6.28 10.98 26.96
N ALA B 182 -5.29 11.42 26.19
CA ALA B 182 -5.36 12.70 25.48
C ALA B 182 -4.35 12.67 24.32
N ASP B 183 -4.10 13.83 23.73
CA ASP B 183 -3.14 14.04 22.65
C ASP B 183 -3.13 15.53 22.34
N ARG B 184 -2.07 15.97 21.65
CA ARG B 184 -1.88 17.39 21.35
C ARG B 184 -2.61 17.77 20.07
N LYS B 185 -3.45 18.80 20.15
CA LYS B 185 -4.19 19.25 18.99
C LYS B 185 -3.28 20.03 18.03
N LEU B 186 -3.45 19.77 16.74
CA LEU B 186 -2.69 20.44 15.69
C LEU B 186 -3.64 20.95 14.62
N SER B 187 -3.09 21.71 13.68
CA SER B 187 -3.90 22.28 12.60
C SER B 187 -4.40 21.19 11.66
N GLU B 188 -3.47 20.52 10.96
CA GLU B 188 -3.84 19.47 10.02
C GLU B 188 -2.96 18.24 10.15
N ALA B 189 -2.20 18.11 11.25
CA ALA B 189 -1.37 16.94 11.47
C ALA B 189 -2.15 15.78 12.07
N GLY B 190 -3.43 15.97 12.39
CA GLY B 190 -4.22 14.93 13.01
C GLY B 190 -5.10 14.16 12.06
N PHE B 191 -4.85 14.29 10.75
CA PHE B 191 -5.61 13.50 9.79
C PHE B 191 -5.22 12.02 9.80
N LYS B 192 -6.23 11.17 9.89
CA LYS B 192 -6.13 9.77 9.57
C LYS B 192 -6.48 9.57 8.09
N ALA B 193 -6.55 8.33 7.67
CA ALA B 193 -7.09 7.96 6.36
C ALA B 193 -8.44 7.30 6.59
N SER B 194 -9.48 7.85 5.97
CA SER B 194 -10.83 7.32 6.15
C SER B 194 -10.89 5.86 5.73
N ASN B 195 -11.84 5.14 6.32
CA ASN B 195 -11.95 3.70 6.08
C ASN B 195 -12.13 3.40 4.60
N ASN B 196 -11.19 2.64 4.04
CA ASN B 196 -11.20 2.26 2.64
C ASN B 196 -11.16 3.48 1.73
N ARG B 197 -10.23 4.39 2.03
CA ARG B 197 -10.12 5.62 1.24
C ARG B 197 -9.35 5.39 -0.04
N LEU B 198 -8.33 4.53 -0.01
CA LEU B 198 -7.55 4.28 -1.23
C LEU B 198 -8.35 3.49 -2.25
N PHE B 199 -9.08 2.47 -1.80
CA PHE B 199 -9.95 1.74 -2.73
C PHE B 199 -11.01 2.66 -3.32
N GLN B 200 -11.57 3.54 -2.50
CA GLN B 200 -12.57 4.50 -2.97
C GLN B 200 -11.98 5.45 -4.00
N LEU B 201 -10.78 5.97 -3.73
CA LEU B 201 -10.15 6.88 -4.69
C LEU B 201 -9.78 6.16 -5.98
N VAL B 202 -9.36 4.90 -5.89
CA VAL B 202 -9.03 4.15 -7.09
C VAL B 202 -10.28 3.91 -7.93
N MET B 203 -11.39 3.54 -7.30
CA MET B 203 -12.63 3.35 -8.03
C MET B 203 -13.15 4.66 -8.61
N LYS B 204 -12.98 5.77 -7.89
CA LYS B 204 -13.40 7.07 -8.42
C LYS B 204 -12.54 7.50 -9.60
N GLY B 205 -11.24 7.18 -9.56
CA GLY B 205 -10.40 7.45 -10.72
C GLY B 205 -10.75 6.57 -11.90
N LEU B 206 -11.12 5.33 -11.64
CA LEU B 206 -11.60 4.47 -12.72
C LEU B 206 -12.89 5.01 -13.33
N LEU B 207 -13.79 5.53 -12.49
CA LEU B 207 -15.01 6.14 -12.99
C LEU B 207 -14.72 7.42 -13.77
N TYR B 208 -13.71 8.19 -13.34
CA TYR B 208 -13.30 9.35 -14.11
C TYR B 208 -12.78 8.95 -15.48
N GLU B 209 -11.97 7.88 -15.53
CA GLU B 209 -11.51 7.37 -16.82
C GLU B 209 -12.68 6.91 -17.68
N CYS B 210 -13.67 6.24 -17.07
CA CYS B 210 -14.84 5.79 -17.81
C CYS B 210 -15.62 6.97 -18.38
N CYS B 211 -15.79 8.02 -17.59
CA CYS B 211 -16.53 9.20 -18.06
C CYS B 211 -15.77 9.92 -19.16
N VAL B 212 -14.44 10.04 -19.03
CA VAL B 212 -13.66 10.67 -20.08
C VAL B 212 -13.74 9.86 -21.37
N GLU B 213 -13.70 8.53 -21.27
CA GLU B 213 -13.84 7.69 -22.45
C GLU B 213 -15.22 7.81 -23.07
N PHE B 214 -16.25 7.85 -22.23
CA PHE B 214 -17.62 8.00 -22.71
C PHE B 214 -17.82 9.34 -23.42
N CYS B 215 -17.17 10.39 -22.93
CA CYS B 215 -17.31 11.69 -23.55
C CYS B 215 -16.44 11.84 -24.80
N GLN B 216 -15.27 11.20 -24.83
CA GLN B 216 -14.42 11.25 -26.01
C GLN B 216 -14.95 10.36 -27.12
N SER B 217 -15.68 9.30 -26.78
CA SER B 217 -16.26 8.42 -27.79
C SER B 217 -17.60 8.96 -28.30
N LYS B 218 -18.43 9.46 -27.39
CA LYS B 218 -19.73 10.02 -27.78
C LYS B 218 -19.54 11.19 -28.73
N ALA B 219 -18.54 12.04 -28.46
CA ALA B 219 -18.19 13.11 -29.39
C ALA B 219 -17.58 12.54 -30.66
N THR B 220 -16.80 11.45 -30.54
CA THR B 220 -16.17 10.82 -31.69
C THR B 220 -17.07 9.80 -32.38
N GLY B 221 -18.38 10.06 -32.43
CA GLY B 221 -19.26 9.28 -33.27
C GLY B 221 -19.98 8.11 -32.64
N GLU B 222 -19.24 7.06 -32.28
CA GLU B 222 -19.83 5.80 -31.84
C GLU B 222 -20.26 5.92 -30.38
N GLU B 223 -21.57 5.87 -30.15
CA GLU B 223 -22.16 6.01 -28.81
C GLU B 223 -22.49 4.63 -28.27
N ILE B 224 -21.62 4.11 -27.40
CA ILE B 224 -21.81 2.80 -26.81
C ILE B 224 -22.65 2.94 -25.55
N THR B 225 -23.27 1.84 -25.14
CA THR B 225 -24.01 1.83 -23.89
C THR B 225 -23.04 1.96 -22.71
N GLU B 226 -23.57 2.40 -21.58
CA GLU B 226 -22.73 2.60 -20.40
C GLU B 226 -22.08 1.31 -19.93
N SER B 227 -22.57 0.16 -20.37
CA SER B 227 -21.96 -1.11 -19.99
C SER B 227 -20.60 -1.30 -20.66
N GLU B 228 -20.45 -0.74 -21.86
CA GLU B 228 -19.20 -0.86 -22.65
C GLU B 228 -18.04 -0.22 -21.89
N VAL B 229 -18.20 1.03 -21.46
CA VAL B 229 -17.15 1.76 -20.77
C VAL B 229 -16.90 1.22 -19.37
N LEU B 230 -17.86 0.47 -18.81
CA LEU B 230 -17.65 -0.15 -17.50
C LEU B 230 -16.93 -1.49 -17.63
N LEU B 231 -17.21 -2.26 -18.67
CA LEU B 231 -16.44 -3.46 -18.94
C LEU B 231 -15.07 -3.15 -19.54
N GLY B 232 -14.83 -1.92 -19.97
CA GLY B 232 -13.54 -1.54 -20.50
C GLY B 232 -12.60 -0.99 -19.43
N ILE B 233 -12.91 -1.27 -18.16
CA ILE B 233 -12.09 -0.79 -17.06
C ILE B 233 -10.79 -1.58 -17.01
N ASP B 234 -9.67 -0.86 -16.98
CA ASP B 234 -8.35 -1.47 -16.84
C ASP B 234 -7.67 -0.86 -15.62
N LEU B 235 -7.55 -1.65 -14.56
CA LEU B 235 -6.96 -1.18 -13.32
C LEU B 235 -5.44 -1.19 -13.34
N LEU B 236 -4.83 -2.16 -14.04
CA LEU B 236 -3.38 -2.28 -14.05
C LEU B 236 -2.74 -1.32 -15.05
N CYS B 237 -3.13 -1.42 -16.32
CA CYS B 237 -2.58 -0.58 -17.37
C CYS B 237 -3.52 0.58 -17.64
N GLY B 238 -2.93 1.78 -17.77
CA GLY B 238 -3.69 2.99 -18.03
C GLY B 238 -3.44 3.48 -19.45
N ASN B 239 -4.54 3.67 -20.19
CA ASN B 239 -4.43 4.15 -21.56
C ASN B 239 -3.87 5.56 -21.62
N GLY B 240 -4.21 6.39 -20.62
CA GLY B 240 -3.69 7.75 -20.59
C GLY B 240 -2.28 7.83 -20.08
N CYS B 241 -1.34 8.19 -20.96
CA CYS B 241 0.06 8.34 -20.56
C CYS B 241 0.21 9.52 -19.61
N ASP B 242 -0.17 10.72 -20.05
CA ASP B 242 -0.20 11.87 -19.15
C ASP B 242 -1.38 11.78 -18.19
N ASP B 243 -2.48 11.16 -18.62
CA ASP B 243 -3.64 10.84 -17.79
C ASP B 243 -4.45 12.08 -17.43
N LEU B 244 -3.87 12.98 -16.64
CA LEU B 244 -4.56 14.22 -16.29
C LEU B 244 -4.40 15.24 -17.42
N ASP B 245 -5.47 15.44 -18.20
CA ASP B 245 -5.53 16.58 -19.11
C ASP B 245 -6.33 17.75 -18.55
N LEU B 246 -6.98 17.56 -17.39
CA LEU B 246 -7.83 18.60 -16.80
C LEU B 246 -8.92 19.03 -17.78
N SER B 247 -9.43 18.08 -18.55
CA SER B 247 -10.40 18.37 -19.59
C SER B 247 -11.84 18.35 -19.09
N LEU B 248 -12.17 17.43 -18.18
CA LEU B 248 -13.54 17.31 -17.71
C LEU B 248 -13.96 18.53 -16.89
N LEU B 249 -13.07 19.03 -16.04
CA LEU B 249 -13.39 20.21 -15.23
C LEU B 249 -13.63 21.43 -16.11
N SER B 250 -12.69 21.72 -17.01
CA SER B 250 -12.85 22.87 -17.89
C SER B 250 -14.03 22.69 -18.83
N TRP B 251 -14.38 21.45 -19.15
CA TRP B 251 -15.56 21.20 -19.97
C TRP B 251 -16.84 21.51 -19.21
N LEU B 252 -16.91 21.11 -17.94
CA LEU B 252 -18.05 21.49 -17.10
C LEU B 252 -18.08 22.99 -16.82
N GLN B 253 -16.93 23.66 -16.91
CA GLN B 253 -16.86 25.09 -16.60
C GLN B 253 -17.76 25.89 -17.53
N ASN B 254 -17.42 25.88 -18.82
CA ASN B 254 -18.23 26.59 -19.84
C ASN B 254 -19.24 25.59 -20.40
N LEU B 255 -20.45 25.60 -19.84
CA LEU B 255 -21.49 24.65 -20.23
C LEU B 255 -22.81 25.19 -19.72
N PRO B 256 -23.91 25.03 -20.46
CA PRO B 256 -25.20 25.56 -20.00
C PRO B 256 -25.61 24.96 -18.67
N SER B 257 -26.13 25.81 -17.78
CA SER B 257 -26.47 25.42 -16.42
C SER B 257 -27.84 24.76 -16.32
N SER B 258 -28.47 24.39 -17.43
CA SER B 258 -29.79 23.76 -17.40
C SER B 258 -29.70 22.25 -17.19
N VAL B 259 -28.71 21.59 -17.79
CA VAL B 259 -28.54 20.15 -17.61
C VAL B 259 -28.06 19.78 -16.22
N PHE B 260 -27.60 20.76 -15.44
CA PHE B 260 -27.24 20.48 -14.05
C PHE B 260 -28.49 20.21 -13.21
N SER B 261 -29.60 20.85 -13.54
CA SER B 261 -30.91 20.56 -12.94
C SER B 261 -31.68 19.52 -13.73
N CYS B 262 -30.99 18.60 -14.39
CA CYS B 262 -31.62 17.53 -15.16
C CYS B 262 -31.66 16.27 -14.30
N ALA B 263 -32.85 15.82 -13.95
CA ALA B 263 -33.00 14.61 -13.16
C ALA B 263 -32.48 13.40 -13.93
N PHE B 264 -31.75 12.53 -13.24
CA PHE B 264 -31.12 11.38 -13.85
C PHE B 264 -31.51 10.12 -13.10
N GLU B 265 -31.00 8.98 -13.57
CA GLU B 265 -31.27 7.68 -12.98
C GLU B 265 -30.32 7.41 -11.82
N GLN B 266 -30.82 6.73 -10.80
CA GLN B 266 -30.01 6.40 -9.63
C GLN B 266 -29.60 4.94 -9.66
N LYS B 267 -28.87 4.53 -10.69
CA LYS B 267 -28.38 3.16 -10.76
C LYS B 267 -27.30 2.93 -9.72
N MET B 268 -27.24 1.71 -9.20
CA MET B 268 -26.30 1.36 -8.16
C MET B 268 -25.03 0.76 -8.76
N LEU B 269 -23.90 1.07 -8.14
CA LEU B 269 -22.60 0.59 -8.61
C LEU B 269 -22.30 -0.74 -7.94
N ASN B 270 -22.19 -1.79 -8.74
CA ASN B 270 -21.98 -3.15 -8.24
C ASN B 270 -20.52 -3.54 -8.44
N ILE B 271 -19.80 -3.71 -7.34
CA ILE B 271 -18.40 -4.15 -7.36
C ILE B 271 -18.33 -5.60 -6.93
N HIS B 272 -17.50 -6.37 -7.62
CA HIS B 272 -17.18 -7.73 -7.22
C HIS B 272 -15.66 -7.81 -7.02
N VAL B 273 -15.23 -8.00 -5.79
CA VAL B 273 -13.82 -8.02 -5.46
C VAL B 273 -13.33 -9.47 -5.46
N ASP B 274 -12.28 -9.73 -6.25
CA ASP B 274 -11.58 -11.01 -6.20
C ASP B 274 -10.61 -10.95 -5.04
N LYS B 275 -11.01 -11.52 -3.91
CA LYS B 275 -10.24 -11.36 -2.68
C LYS B 275 -8.87 -12.04 -2.81
N LEU B 276 -7.98 -11.65 -1.90
CA LEU B 276 -6.60 -12.12 -1.94
C LEU B 276 -6.48 -13.51 -1.34
N LEU B 277 -5.58 -14.32 -1.89
CA LEU B 277 -5.29 -15.66 -1.41
C LEU B 277 -3.97 -15.59 -0.64
N LYS B 278 -4.06 -15.24 0.64
CA LYS B 278 -2.86 -15.03 1.42
C LYS B 278 -2.19 -16.36 1.74
N PRO B 279 -0.86 -16.45 1.61
CA PRO B 279 -0.16 -17.66 2.06
C PRO B 279 -0.31 -17.84 3.56
N THR B 280 -0.37 -19.11 3.98
CA THR B 280 -0.54 -19.44 5.39
C THR B 280 0.71 -19.10 6.20
N LYS C 5 -36.74 4.96 -10.44
CA LYS C 5 -36.17 5.87 -9.45
C LYS C 5 -35.43 7.02 -10.14
N MET C 6 -35.59 8.23 -9.62
CA MET C 6 -34.98 9.42 -10.19
C MET C 6 -34.34 10.25 -9.07
N THR C 7 -33.21 10.87 -9.39
CA THR C 7 -32.45 11.66 -8.43
C THR C 7 -31.76 12.79 -9.18
N SER C 8 -31.52 13.90 -8.48
CA SER C 8 -30.88 15.06 -9.09
C SER C 8 -29.68 15.49 -8.25
N PHE C 9 -28.79 16.27 -8.90
CA PHE C 9 -27.63 16.82 -8.21
C PHE C 9 -28.05 17.68 -7.02
N ALA C 10 -29.08 18.50 -7.20
CA ALA C 10 -29.58 19.31 -6.10
C ALA C 10 -30.11 18.43 -4.97
N GLU C 11 -30.78 17.33 -5.32
CA GLU C 11 -31.26 16.42 -4.29
C GLU C 11 -30.11 15.80 -3.50
N ARG C 12 -29.06 15.37 -4.18
CA ARG C 12 -27.92 14.79 -3.46
C ARG C 12 -27.22 15.86 -2.61
N LYS C 13 -27.08 17.07 -3.13
CA LYS C 13 -26.47 18.14 -2.36
C LYS C 13 -27.26 18.44 -1.09
N LYS C 14 -28.59 18.46 -1.20
CA LYS C 14 -29.42 18.72 -0.02
C LYS C 14 -29.38 17.54 0.95
N GLN C 15 -29.34 16.31 0.43
CA GLN C 15 -29.20 15.14 1.29
C GLN C 15 -27.89 15.19 2.07
N LEU C 16 -26.82 15.68 1.44
CA LEU C 16 -25.53 15.75 2.11
C LEU C 16 -25.47 16.90 3.12
N VAL C 17 -26.01 18.06 2.76
CA VAL C 17 -25.92 19.21 3.67
C VAL C 17 -26.90 19.05 4.83
N LYS C 18 -27.98 18.31 4.65
CA LYS C 18 -28.90 17.99 5.74
C LYS C 18 -28.56 16.67 6.41
N ALA C 19 -27.27 16.44 6.64
CA ALA C 19 -26.84 15.21 7.32
C ALA C 19 -25.54 15.40 8.09
N GLU C 20 -25.18 16.64 8.44
CA GLU C 20 -23.96 16.90 9.19
C GLU C 20 -24.22 16.96 10.69
N LYS D 5 -5.96 30.26 -25.01
CA LYS D 5 -4.84 29.36 -25.21
C LYS D 5 -5.19 28.28 -26.24
N MET D 6 -6.21 27.47 -25.93
CA MET D 6 -6.66 26.42 -26.81
C MET D 6 -8.03 25.95 -26.34
N THR D 7 -8.91 25.62 -27.29
CA THR D 7 -10.26 25.18 -26.98
C THR D 7 -10.60 23.99 -27.86
N SER D 8 -10.73 22.81 -27.26
CA SER D 8 -11.04 21.59 -28.00
C SER D 8 -11.35 20.47 -27.01
N PHE D 9 -12.23 19.56 -27.43
CA PHE D 9 -12.48 18.34 -26.68
C PHE D 9 -12.40 17.13 -27.60
N ALA D 10 -13.12 17.19 -28.72
CA ALA D 10 -13.03 16.13 -29.71
C ALA D 10 -11.63 16.01 -30.29
N GLU D 11 -10.84 17.08 -30.23
CA GLU D 11 -9.45 17.01 -30.66
C GLU D 11 -8.54 16.36 -29.62
N ARG D 12 -8.97 16.29 -28.36
CA ARG D 12 -8.16 15.65 -27.34
C ARG D 12 -8.00 14.16 -27.64
N LYS D 13 -9.06 13.51 -28.09
CA LYS D 13 -8.96 12.10 -28.45
C LYS D 13 -7.98 11.89 -29.59
N LYS D 14 -8.03 12.74 -30.61
CA LYS D 14 -7.10 12.61 -31.74
C LYS D 14 -5.67 12.89 -31.30
N GLN D 15 -5.46 13.88 -30.42
CA GLN D 15 -4.12 14.17 -29.94
C GLN D 15 -3.57 13.02 -29.12
N LEU D 16 -4.43 12.34 -28.35
CA LEU D 16 -3.98 11.16 -27.62
C LEU D 16 -3.73 9.97 -28.54
N VAL D 17 -4.48 9.88 -29.65
CA VAL D 17 -4.29 8.78 -30.59
C VAL D 17 -3.00 8.95 -31.39
N LYS D 18 -2.63 10.20 -31.70
CA LYS D 18 -1.46 10.44 -32.54
C LYS D 18 -0.17 9.86 -31.96
N ALA D 19 -0.15 9.54 -30.68
CA ALA D 19 1.03 8.94 -30.05
C ALA D 19 1.29 7.54 -30.61
#